data_8TTG
#
_entry.id   8TTG
#
_cell.length_a   1.00
_cell.length_b   1.00
_cell.length_c   1.00
_cell.angle_alpha   90.00
_cell.angle_beta   90.00
_cell.angle_gamma   90.00
#
_symmetry.space_group_name_H-M   'P 1'
#
loop_
_entity.id
_entity.type
_entity.pdbx_description
1 polymer 'Quinolone resistance protein NorA'
2 polymer 'FabDA1 CDRH3 loop'
#
loop_
_entity_poly.entity_id
_entity_poly.type
_entity_poly.pdbx_seq_one_letter_code
_entity_poly.pdbx_strand_id
1 'polypeptide(L)'
;MNKQIFVLYFNIFLIFLGIGLVIPVLPVYLKDLGLTGSDLGLLVAAFALSQMIISPFGGTLADKLGKKLIICIGLILFSV
SEFMFAVGHNFSVLMLSRVIGGMSAGMVMPGVTGLIADISPSHQKAKNFGYMSAIINSGFILGPGIGGFMAEVSHRMPFY
FAGALGILAFIMSIVLIHDPKKSTTSGFQKLEPQLLTKINWKVFITPVILTLVLSFGLSAFQTLYSLYTADKVNYSPKDI
SIAITGGGIFGALFQIYFFDKFMKYFSELTFIAWSLLYSVVVLILLVFANDYWSIMLISFVVFIGFDMIRPAITNYFSNI
AGERQGFAGGLNSTFTSMGNFIGPLIAGALFDVHIEAPIYMAIGVSLAGVVIVLIEKQHRAKLKEQNMENLYFQGKLGPE
QKLISEEDLNSAVDHHHHHHHHHH
;
A
2 'polypeptide(L)' SVENHWYYFYWYMSP C
#
# COMPACT_ATOMS: atom_id res chain seq x y z
N MET A 1 16.96 3.43 18.38
CA MET A 1 15.64 2.78 18.17
C MET A 1 15.61 1.43 18.87
N ASN A 2 14.58 1.17 19.68
CA ASN A 2 14.47 -0.10 20.39
C ASN A 2 14.59 -1.27 19.42
N LYS A 3 15.14 -2.38 19.92
CA LYS A 3 15.34 -3.56 19.09
C LYS A 3 14.00 -4.20 18.71
N GLN A 4 13.08 -4.30 19.68
CA GLN A 4 11.78 -4.89 19.38
C GLN A 4 11.01 -4.07 18.36
N ILE A 5 11.08 -2.74 18.48
CA ILE A 5 10.43 -1.86 17.50
C ILE A 5 11.05 -2.07 16.12
N PHE A 6 12.38 -2.21 16.07
CA PHE A 6 13.06 -2.44 14.80
C PHE A 6 12.59 -3.75 14.17
N VAL A 7 12.48 -4.81 14.97
CA VAL A 7 12.05 -6.10 14.45
C VAL A 7 10.61 -6.02 13.95
N LEU A 8 9.74 -5.35 14.73
CA LEU A 8 8.33 -5.24 14.34
C LEU A 8 8.18 -4.46 13.04
N TYR A 9 8.94 -3.38 12.88
CA TYR A 9 8.88 -2.61 11.65
C TYR A 9 9.50 -3.35 10.48
N PHE A 10 10.53 -4.18 10.73
CA PHE A 10 11.09 -5.02 9.67
C PHE A 10 10.07 -6.05 9.21
N ASN A 11 9.28 -6.60 10.13
CA ASN A 11 8.24 -7.55 9.77
C ASN A 11 7.20 -6.95 8.83
N ILE A 12 7.05 -5.64 8.80
CA ILE A 12 6.13 -4.97 7.88
C ILE A 12 6.85 -4.55 6.60
N PHE A 13 8.07 -4.05 6.74
CA PHE A 13 8.85 -3.66 5.57
C PHE A 13 9.08 -4.84 4.64
N LEU A 14 9.40 -6.00 5.20
CA LEU A 14 9.59 -7.20 4.37
C LEU A 14 8.28 -7.68 3.77
N ILE A 15 7.18 -7.56 4.51
CA ILE A 15 5.88 -7.99 3.98
C ILE A 15 5.51 -7.15 2.77
N PHE A 16 5.69 -5.83 2.87
CA PHE A 16 5.40 -4.98 1.72
C PHE A 16 6.45 -5.11 0.62
N LEU A 17 7.68 -5.49 0.98
CA LEU A 17 8.68 -5.84 -0.02
C LEU A 17 8.18 -7.00 -0.88
N GLY A 18 7.71 -8.06 -0.22
CA GLY A 18 7.12 -9.17 -0.96
C GLY A 18 5.87 -8.78 -1.72
N ILE A 19 5.10 -7.84 -1.18
CA ILE A 19 3.92 -7.34 -1.87
C ILE A 19 4.32 -6.71 -3.20
N GLY A 20 5.36 -5.87 -3.19
CA GLY A 20 5.77 -5.14 -4.37
C GLY A 20 6.77 -5.82 -5.26
N LEU A 21 7.31 -6.97 -4.87
CA LEU A 21 8.34 -7.64 -5.66
C LEU A 21 7.86 -8.10 -7.03
N VAL A 22 6.55 -8.22 -7.24
CA VAL A 22 6.05 -8.84 -8.47
C VAL A 22 5.90 -7.85 -9.63
N ILE A 23 5.74 -6.55 -9.34
CA ILE A 23 5.45 -5.58 -10.40
C ILE A 23 6.54 -5.51 -11.47
N PRO A 24 7.83 -5.36 -11.13
CA PRO A 24 8.84 -5.24 -12.20
C PRO A 24 9.00 -6.50 -13.04
N VAL A 25 8.60 -7.66 -12.51
CA VAL A 25 8.78 -8.92 -13.22
C VAL A 25 7.65 -9.17 -14.23
N LEU A 26 6.60 -8.35 -14.20
CA LEU A 26 5.44 -8.57 -15.05
C LEU A 26 5.75 -8.67 -16.54
N PRO A 27 6.61 -7.84 -17.14
CA PRO A 27 6.84 -7.95 -18.60
C PRO A 27 7.46 -9.27 -19.03
N VAL A 28 8.50 -9.74 -18.34
CA VAL A 28 9.09 -11.02 -18.70
C VAL A 28 8.11 -12.17 -18.44
N TYR A 29 7.27 -12.03 -17.40
CA TYR A 29 6.24 -13.04 -17.15
C TYR A 29 5.22 -13.08 -18.27
N LEU A 30 4.86 -11.93 -18.81
CA LEU A 30 3.97 -11.88 -19.97
C LEU A 30 4.64 -12.51 -21.19
N LYS A 31 5.92 -12.21 -21.40
CA LYS A 31 6.60 -12.64 -22.62
C LYS A 31 6.85 -14.14 -22.64
N ASP A 32 7.37 -14.69 -21.53
CA ASP A 32 7.83 -16.08 -21.55
C ASP A 32 6.67 -17.07 -21.54
N LEU A 33 5.61 -16.78 -20.80
CA LEU A 33 4.47 -17.69 -20.76
C LEU A 33 3.45 -17.35 -21.85
N GLY A 34 2.95 -16.12 -21.85
CA GLY A 34 1.95 -15.71 -22.82
C GLY A 34 0.56 -15.64 -22.21
N LEU A 35 0.14 -14.44 -21.84
CA LEU A 35 -1.15 -14.22 -21.18
C LEU A 35 -1.64 -12.84 -21.60
N THR A 36 -2.61 -12.32 -20.85
CA THR A 36 -3.08 -10.95 -21.00
C THR A 36 -2.71 -10.16 -19.74
N GLY A 37 -2.94 -8.85 -19.80
CA GLY A 37 -2.68 -8.00 -18.65
C GLY A 37 -3.65 -8.25 -17.50
N SER A 38 -4.79 -8.89 -17.77
CA SER A 38 -5.76 -9.16 -16.74
C SER A 38 -5.17 -10.05 -15.65
N ASP A 39 -4.44 -11.10 -16.04
CA ASP A 39 -3.82 -11.97 -15.04
C ASP A 39 -2.70 -11.25 -14.29
N LEU A 40 -1.95 -10.40 -14.99
CA LEU A 40 -0.88 -9.66 -14.33
C LEU A 40 -1.44 -8.74 -13.24
N GLY A 41 -2.54 -8.05 -13.53
CA GLY A 41 -3.20 -7.28 -12.50
C GLY A 41 -3.82 -8.15 -11.41
N LEU A 42 -4.41 -9.28 -11.81
CA LEU A 42 -5.09 -10.15 -10.87
C LEU A 42 -4.14 -10.77 -9.87
N LEU A 43 -2.85 -10.88 -10.22
CA LEU A 43 -1.86 -11.34 -9.25
C LEU A 43 -1.88 -10.47 -7.99
N VAL A 44 -1.57 -9.18 -8.15
CA VAL A 44 -1.56 -8.27 -7.02
C VAL A 44 -2.96 -8.09 -6.45
N ALA A 45 -3.98 -8.12 -7.30
CA ALA A 45 -5.34 -7.99 -6.82
C ALA A 45 -5.70 -9.12 -5.85
N ALA A 46 -5.36 -10.36 -6.20
CA ALA A 46 -5.65 -11.50 -5.34
C ALA A 46 -4.78 -11.48 -4.09
N PHE A 47 -3.53 -11.02 -4.22
CA PHE A 47 -2.69 -10.87 -3.03
C PHE A 47 -3.34 -9.92 -2.02
N ALA A 48 -3.75 -8.74 -2.48
CA ALA A 48 -4.37 -7.77 -1.58
C ALA A 48 -5.72 -8.26 -1.07
N LEU A 49 -6.48 -8.96 -1.92
CA LEU A 49 -7.77 -9.51 -1.50
C LEU A 49 -7.59 -10.54 -0.40
N SER A 50 -6.61 -11.44 -0.55
CA SER A 50 -6.34 -12.42 0.49
C SER A 50 -5.88 -11.75 1.78
N GLN A 51 -5.04 -10.72 1.66
CA GLN A 51 -4.62 -9.99 2.86
C GLN A 51 -5.81 -9.37 3.58
N MET A 52 -6.70 -8.72 2.84
CA MET A 52 -7.86 -8.07 3.45
C MET A 52 -8.79 -9.11 4.07
N ILE A 53 -9.01 -10.23 3.40
CA ILE A 53 -9.88 -11.28 3.93
C ILE A 53 -9.30 -11.87 5.22
N ILE A 54 -7.99 -12.12 5.23
CA ILE A 54 -7.37 -12.77 6.37
C ILE A 54 -7.17 -11.82 7.55
N SER A 55 -7.09 -10.51 7.30
CA SER A 55 -6.82 -9.57 8.39
C SER A 55 -7.75 -9.70 9.59
N PRO A 56 -9.08 -9.78 9.44
CA PRO A 56 -9.92 -9.96 10.64
C PRO A 56 -9.69 -11.29 11.35
N PHE A 57 -9.63 -12.39 10.59
CA PHE A 57 -9.37 -13.69 11.21
C PHE A 57 -7.97 -13.74 11.83
N GLY A 58 -6.98 -13.16 11.15
CA GLY A 58 -5.65 -13.10 11.73
C GLY A 58 -5.61 -12.30 13.03
N GLY A 59 -6.32 -11.17 13.06
CA GLY A 59 -6.38 -10.39 14.29
C GLY A 59 -7.09 -11.13 15.41
N THR A 60 -8.17 -11.84 15.08
CA THR A 60 -8.87 -12.63 16.09
C THR A 60 -7.96 -13.73 16.64
N LEU A 61 -7.22 -14.42 15.77
CA LEU A 61 -6.30 -15.44 16.22
C LEU A 61 -5.19 -14.85 17.09
N ALA A 62 -4.67 -13.68 16.70
CA ALA A 62 -3.63 -13.04 17.49
C ALA A 62 -4.15 -12.64 18.87
N ASP A 63 -5.36 -12.12 18.93
CA ASP A 63 -5.93 -11.72 20.22
C ASP A 63 -6.22 -12.93 21.10
N LYS A 64 -6.69 -14.03 20.51
CA LYS A 64 -7.09 -15.19 21.28
C LYS A 64 -5.96 -16.19 21.49
N LEU A 65 -5.34 -16.65 20.40
CA LEU A 65 -4.33 -17.70 20.46
C LEU A 65 -2.90 -17.16 20.60
N GLY A 66 -2.75 -15.98 21.18
CA GLY A 66 -1.41 -15.43 21.35
C GLY A 66 -0.99 -14.58 20.16
N LYS A 67 -0.12 -13.61 20.44
CA LYS A 67 0.30 -12.65 19.41
C LYS A 67 1.58 -13.07 18.71
N LYS A 68 2.60 -13.48 19.48
CA LYS A 68 3.88 -13.83 18.89
C LYS A 68 3.77 -15.05 17.98
N LEU A 69 2.97 -16.04 18.39
CA LEU A 69 2.84 -17.27 17.60
C LEU A 69 2.27 -16.97 16.21
N ILE A 70 1.24 -16.12 16.15
CA ILE A 70 0.65 -15.78 14.86
C ILE A 70 1.64 -15.03 13.98
N ILE A 71 2.42 -14.13 14.58
CA ILE A 71 3.42 -13.38 13.81
C ILE A 71 4.47 -14.33 13.24
N CYS A 72 4.95 -15.27 14.06
CA CYS A 72 5.95 -16.23 13.59
C CYS A 72 5.38 -17.13 12.49
N ILE A 73 4.13 -17.58 12.66
CA ILE A 73 3.49 -18.42 11.65
C ILE A 73 3.35 -17.65 10.34
N GLY A 74 2.95 -16.38 10.41
CA GLY A 74 2.83 -15.58 9.22
C GLY A 74 4.16 -15.34 8.54
N LEU A 75 5.22 -15.12 9.33
CA LEU A 75 6.54 -14.93 8.74
C LEU A 75 7.03 -16.19 8.03
N ILE A 76 6.86 -17.35 8.66
CA ILE A 76 7.28 -18.59 8.01
C ILE A 76 6.43 -18.87 6.78
N LEU A 77 5.14 -18.53 6.83
CA LEU A 77 4.28 -18.71 5.66
C LEU A 77 4.69 -17.77 4.53
N PHE A 78 5.09 -16.54 4.86
CA PHE A 78 5.57 -15.61 3.84
C PHE A 78 6.84 -16.12 3.19
N SER A 79 7.77 -16.64 3.99
CA SER A 79 8.99 -17.21 3.42
C SER A 79 8.68 -18.40 2.54
N VAL A 80 7.75 -19.27 2.96
CA VAL A 80 7.35 -20.41 2.15
C VAL A 80 6.72 -19.95 0.85
N SER A 81 5.89 -18.91 0.91
CA SER A 81 5.24 -18.38 -0.30
C SER A 81 6.28 -17.83 -1.27
N GLU A 82 7.26 -17.08 -0.76
CA GLU A 82 8.31 -16.56 -1.62
C GLU A 82 9.12 -17.68 -2.25
N PHE A 83 9.45 -18.71 -1.48
CA PHE A 83 10.19 -19.84 -2.05
C PHE A 83 9.38 -20.56 -3.11
N MET A 84 8.06 -20.73 -2.87
CA MET A 84 7.20 -21.38 -3.86
C MET A 84 7.11 -20.56 -5.13
N PHE A 85 6.99 -19.23 -5.00
CA PHE A 85 6.94 -18.38 -6.17
C PHE A 85 8.25 -18.42 -6.94
N ALA A 86 9.37 -18.56 -6.23
CA ALA A 86 10.67 -18.68 -6.87
C ALA A 86 10.82 -19.96 -7.68
N VAL A 87 9.97 -20.95 -7.46
CA VAL A 87 10.05 -22.22 -8.16
C VAL A 87 8.77 -22.52 -8.94
N GLY A 88 7.98 -21.49 -9.23
CA GLY A 88 6.75 -21.71 -9.96
C GLY A 88 6.98 -22.08 -11.41
N HIS A 89 5.97 -22.74 -11.99
CA HIS A 89 6.03 -23.21 -13.37
C HIS A 89 4.93 -22.66 -14.25
N ASN A 90 3.69 -22.60 -13.76
CA ASN A 90 2.57 -22.10 -14.56
C ASN A 90 1.83 -20.99 -13.83
N PHE A 91 0.70 -20.56 -14.37
CA PHE A 91 -0.04 -19.45 -13.75
C PHE A 91 -0.73 -19.89 -12.46
N SER A 92 -1.16 -21.15 -12.38
CA SER A 92 -1.92 -21.61 -11.21
C SER A 92 -1.05 -21.64 -9.96
N VAL A 93 0.19 -22.11 -10.07
CA VAL A 93 1.07 -22.18 -8.90
C VAL A 93 1.43 -20.77 -8.42
N LEU A 94 1.66 -19.84 -9.35
CA LEU A 94 1.89 -18.46 -8.97
C LEU A 94 0.66 -17.85 -8.30
N MET A 95 -0.52 -18.18 -8.81
CA MET A 95 -1.76 -17.70 -8.18
C MET A 95 -1.87 -18.21 -6.75
N LEU A 96 -1.59 -19.50 -6.53
CA LEU A 96 -1.64 -20.07 -5.19
C LEU A 96 -0.61 -19.43 -4.28
N SER A 97 0.61 -19.20 -4.80
CA SER A 97 1.65 -18.58 -4.00
C SER A 97 1.27 -17.16 -3.61
N ARG A 98 0.69 -16.40 -4.54
CA ARG A 98 0.24 -15.05 -4.22
C ARG A 98 -0.86 -15.09 -3.17
N VAL A 99 -1.80 -16.04 -3.28
CA VAL A 99 -2.88 -16.13 -2.31
C VAL A 99 -2.36 -16.45 -0.92
N ILE A 100 -1.46 -17.43 -0.82
CA ILE A 100 -0.93 -17.81 0.48
C ILE A 100 -0.04 -16.70 1.06
N GLY A 101 0.71 -16.00 0.21
CA GLY A 101 1.48 -14.86 0.70
C GLY A 101 0.60 -13.74 1.20
N GLY A 102 -0.51 -13.48 0.50
CA GLY A 102 -1.46 -12.50 1.00
C GLY A 102 -2.08 -12.91 2.32
N MET A 103 -2.39 -14.20 2.47
CA MET A 103 -2.91 -14.67 3.75
C MET A 103 -1.90 -14.50 4.87
N SER A 104 -0.63 -14.80 4.59
CA SER A 104 0.41 -14.61 5.59
C SER A 104 0.57 -13.14 5.94
N ALA A 105 0.52 -12.26 4.95
CA ALA A 105 0.62 -10.83 5.21
C ALA A 105 -0.56 -10.33 6.05
N GLY A 106 -1.76 -10.82 5.75
CA GLY A 106 -2.95 -10.46 6.50
C GLY A 106 -3.02 -11.06 7.88
N MET A 107 -2.24 -12.11 8.15
CA MET A 107 -2.13 -12.65 9.50
C MET A 107 -0.95 -12.07 10.27
N VAL A 108 -0.05 -11.35 9.61
CA VAL A 108 1.10 -10.73 10.27
C VAL A 108 0.77 -9.32 10.74
N MET A 109 0.15 -8.52 9.87
CA MET A 109 -0.09 -7.11 10.18
C MET A 109 -0.89 -6.91 11.46
N PRO A 110 -2.02 -7.58 11.70
CA PRO A 110 -2.75 -7.37 12.96
C PRO A 110 -1.93 -7.72 14.20
N GLY A 111 -1.08 -8.73 14.13
CA GLY A 111 -0.22 -9.07 15.25
C GLY A 111 0.82 -8.01 15.54
N VAL A 112 1.43 -7.47 14.48
CA VAL A 112 2.45 -6.45 14.66
C VAL A 112 1.83 -5.15 15.16
N THR A 113 0.65 -4.80 14.65
CA THR A 113 -0.05 -3.62 15.16
C THR A 113 -0.42 -3.78 16.63
N GLY A 114 -0.87 -4.98 17.01
CA GLY A 114 -1.15 -5.23 18.41
C GLY A 114 0.08 -5.13 19.29
N LEU A 115 1.21 -5.66 18.80
CA LEU A 115 2.47 -5.53 19.54
C LEU A 115 2.86 -4.06 19.69
N ILE A 116 2.71 -3.28 18.63
CA ILE A 116 3.04 -1.85 18.70
C ILE A 116 2.16 -1.15 19.72
N ALA A 117 0.86 -1.46 19.71
CA ALA A 117 -0.07 -0.83 20.65
C ALA A 117 0.24 -1.23 22.09
N ASP A 118 0.56 -2.50 22.31
CA ASP A 118 0.77 -3.00 23.66
C ASP A 118 2.16 -2.73 24.21
N ILE A 119 3.12 -2.37 23.36
CA ILE A 119 4.48 -2.09 23.84
C ILE A 119 4.67 -0.61 24.13
N SER A 120 4.33 0.25 23.17
CA SER A 120 4.49 1.68 23.39
C SER A 120 3.39 2.22 24.30
N PRO A 121 3.68 3.27 25.07
CA PRO A 121 2.66 3.83 25.97
C PRO A 121 1.51 4.49 25.21
N SER A 122 0.51 4.97 25.95
CA SER A 122 -0.69 5.54 25.34
C SER A 122 -0.46 6.94 24.77
N HIS A 123 0.66 7.58 25.09
CA HIS A 123 0.95 8.92 24.58
C HIS A 123 1.70 8.89 23.25
N GLN A 124 1.89 7.72 22.66
CA GLN A 124 2.59 7.55 21.40
C GLN A 124 1.72 6.78 20.40
N LYS A 125 0.46 7.18 20.29
CA LYS A 125 -0.47 6.51 19.38
C LYS A 125 -0.44 7.12 17.99
N ALA A 126 -0.60 8.44 17.90
CA ALA A 126 -0.56 9.12 16.61
C ALA A 126 0.81 8.98 15.96
N LYS A 127 1.88 9.09 16.76
CA LYS A 127 3.22 8.89 16.23
C LYS A 127 3.41 7.46 15.73
N ASN A 128 2.87 6.47 16.46
CA ASN A 128 2.97 5.09 16.01
C ASN A 128 2.23 4.90 14.69
N PHE A 129 1.05 5.50 14.54
CA PHE A 129 0.34 5.42 13.26
C PHE A 129 1.12 6.11 12.14
N GLY A 130 1.74 7.26 12.45
CA GLY A 130 2.51 7.96 11.44
C GLY A 130 3.68 7.15 10.92
N TYR A 131 4.45 6.57 11.85
CA TYR A 131 5.58 5.70 11.45
C TYR A 131 5.02 4.48 10.69
N MET A 132 3.91 3.92 11.19
CA MET A 132 3.32 2.76 10.54
C MET A 132 3.03 3.04 9.07
N SER A 133 2.34 4.15 8.81
CA SER A 133 2.03 4.54 7.42
C SER A 133 3.33 4.78 6.64
N ALA A 134 4.29 5.46 7.27
CA ALA A 134 5.54 5.76 6.59
C ALA A 134 6.27 4.50 6.15
N ILE A 135 6.51 3.46 6.99
CA ILE A 135 7.13 2.08 6.65
C ILE A 135 6.25 1.24 5.71
N ILE A 136 4.97 1.06 6.06
CA ILE A 136 4.02 0.32 5.18
C ILE A 136 4.24 0.74 3.73
N ASN A 137 4.53 2.03 3.49
CA ASN A 137 4.64 2.53 2.09
C ASN A 137 6.10 2.63 1.64
N SER A 138 7.01 3.11 2.50
CA SER A 138 8.41 3.15 2.07
C SER A 138 8.77 1.73 1.75
N GLY A 139 7.85 0.78 1.90
CA GLY A 139 8.11 -0.61 1.49
C GLY A 139 7.36 -0.91 0.22
N PHE A 140 6.10 -0.51 0.15
CA PHE A 140 5.28 -0.67 -1.07
C PHE A 140 5.86 0.11 -2.23
N ILE A 141 6.76 1.05 -1.97
CA ILE A 141 7.46 1.71 -3.07
C ILE A 141 8.79 1.02 -3.37
N LEU A 142 9.55 0.63 -2.34
CA LEU A 142 10.88 0.09 -2.55
C LEU A 142 10.85 -1.37 -3.04
N GLY A 143 9.73 -2.08 -2.84
CA GLY A 143 9.60 -3.43 -3.34
C GLY A 143 9.94 -3.58 -4.82
N PRO A 144 9.15 -2.94 -5.69
CA PRO A 144 9.44 -3.04 -7.13
C PRO A 144 10.85 -2.58 -7.49
N GLY A 145 11.35 -1.54 -6.82
CA GLY A 145 12.68 -1.05 -7.07
C GLY A 145 13.75 -2.10 -6.89
N ILE A 146 13.86 -2.64 -5.67
CA ILE A 146 14.88 -3.64 -5.39
C ILE A 146 14.64 -4.89 -6.25
N GLY A 147 13.38 -5.29 -6.43
CA GLY A 147 13.11 -6.49 -7.19
C GLY A 147 13.57 -6.40 -8.63
N GLY A 148 13.18 -5.33 -9.32
CA GLY A 148 13.61 -5.14 -10.69
C GLY A 148 15.09 -4.88 -10.82
N PHE A 149 15.68 -4.18 -9.84
CA PHE A 149 17.12 -3.87 -9.87
C PHE A 149 17.94 -5.17 -9.79
N MET A 150 17.53 -6.09 -8.92
CA MET A 150 18.27 -7.33 -8.73
C MET A 150 17.76 -8.49 -9.58
N ALA A 151 16.71 -8.29 -10.36
CA ALA A 151 16.22 -9.31 -11.28
C ALA A 151 16.89 -9.25 -12.65
N GLU A 152 18.08 -8.66 -12.74
CA GLU A 152 18.78 -8.53 -14.02
C GLU A 152 19.72 -9.69 -14.30
N VAL A 153 20.20 -10.38 -13.28
CA VAL A 153 21.13 -11.48 -13.49
C VAL A 153 20.43 -12.84 -13.44
N SER A 154 19.30 -12.95 -12.74
CA SER A 154 18.56 -14.19 -12.65
C SER A 154 17.08 -13.90 -12.80
N HIS A 155 16.33 -14.91 -13.24
CA HIS A 155 14.92 -14.75 -13.53
C HIS A 155 14.04 -14.82 -12.28
N ARG A 156 14.49 -15.52 -11.23
CA ARG A 156 13.64 -15.69 -10.05
C ARG A 156 14.41 -15.56 -8.74
N MET A 157 15.66 -15.09 -8.77
CA MET A 157 16.47 -14.98 -7.55
C MET A 157 15.95 -13.90 -6.59
N PRO A 158 15.30 -12.83 -7.06
CA PRO A 158 14.66 -11.90 -6.10
C PRO A 158 13.71 -12.58 -5.12
N PHE A 159 12.94 -13.56 -5.59
CA PHE A 159 12.07 -14.29 -4.66
C PHE A 159 12.88 -15.17 -3.71
N TYR A 160 14.01 -15.70 -4.17
CA TYR A 160 14.92 -16.41 -3.27
C TYR A 160 15.42 -15.49 -2.18
N PHE A 161 15.79 -14.26 -2.54
CA PHE A 161 16.24 -13.29 -1.55
C PHE A 161 15.11 -12.92 -0.59
N ALA A 162 13.89 -12.81 -1.11
CA ALA A 162 12.74 -12.53 -0.24
C ALA A 162 12.53 -13.66 0.76
N GLY A 163 12.65 -14.91 0.30
CA GLY A 163 12.52 -16.04 1.21
C GLY A 163 13.63 -16.08 2.25
N ALA A 164 14.86 -15.77 1.83
CA ALA A 164 15.98 -15.71 2.79
C ALA A 164 15.75 -14.61 3.83
N LEU A 165 15.25 -13.46 3.39
CA LEU A 165 14.93 -12.39 4.32
C LEU A 165 13.81 -12.79 5.26
N GLY A 166 12.82 -13.54 4.76
CA GLY A 166 11.77 -14.05 5.62
C GLY A 166 12.30 -15.00 6.68
N ILE A 167 13.21 -15.90 6.29
CA ILE A 167 13.82 -16.81 7.25
C ILE A 167 14.62 -16.04 8.29
N LEU A 168 15.40 -15.04 7.85
CA LEU A 168 16.18 -14.24 8.78
C LEU A 168 15.28 -13.48 9.74
N ALA A 169 14.19 -12.91 9.24
CA ALA A 169 13.26 -12.18 10.09
C ALA A 169 12.59 -13.12 11.09
N PHE A 170 12.23 -14.33 10.66
CA PHE A 170 11.65 -15.31 11.57
C PHE A 170 12.63 -15.66 12.69
N ILE A 171 13.89 -15.92 12.32
CA ILE A 171 14.89 -16.27 13.32
C ILE A 171 15.11 -15.12 14.30
N MET A 172 15.21 -13.90 13.78
CA MET A 172 15.44 -12.74 14.62
C MET A 172 14.25 -12.47 15.54
N SER A 173 13.02 -12.64 15.05
CA SER A 173 11.85 -12.47 15.90
C SER A 173 11.78 -13.55 16.97
N ILE A 174 12.13 -14.79 16.62
CA ILE A 174 12.15 -15.86 17.63
C ILE A 174 13.17 -15.54 18.71
N VAL A 175 14.36 -15.08 18.31
CA VAL A 175 15.42 -14.81 19.28
C VAL A 175 15.08 -13.60 20.15
N LEU A 176 14.52 -12.56 19.54
CA LEU A 176 14.40 -11.25 20.19
C LEU A 176 13.01 -10.94 20.72
N ILE A 177 11.97 -11.13 19.92
CA ILE A 177 10.61 -10.74 20.33
C ILE A 177 10.17 -11.64 21.48
N HIS A 178 9.66 -11.02 22.54
CA HIS A 178 9.15 -11.75 23.70
C HIS A 178 7.99 -10.97 24.30
N ASP A 179 6.89 -11.67 24.56
CA ASP A 179 5.68 -11.07 25.14
C ASP A 179 5.19 -11.89 26.33
N PRO A 180 5.96 -11.91 27.44
CA PRO A 180 5.61 -12.72 28.60
C PRO A 180 4.31 -12.26 29.27
N PRO A 193 -18.28 -4.78 20.42
CA PRO A 193 -19.62 -4.77 21.01
C PRO A 193 -20.39 -3.49 20.67
N GLN A 194 -20.39 -2.54 21.60
CA GLN A 194 -21.08 -1.27 21.43
C GLN A 194 -20.18 -0.18 20.86
N LEU A 195 -18.94 -0.52 20.48
CA LEU A 195 -18.00 0.47 19.98
C LEU A 195 -18.41 1.03 18.61
N LEU A 196 -19.28 0.35 17.88
CA LEU A 196 -19.70 0.80 16.55
C LEU A 196 -21.10 1.37 16.52
N THR A 197 -21.84 1.33 17.64
CA THR A 197 -23.21 1.81 17.64
C THR A 197 -23.26 3.34 17.65
N LYS A 198 -22.35 3.98 18.36
CA LYS A 198 -22.37 5.43 18.52
C LYS A 198 -21.68 6.17 17.38
N ILE A 199 -21.13 5.46 16.40
CA ILE A 199 -20.45 6.11 15.28
C ILE A 199 -21.47 6.80 14.39
N ASN A 200 -21.19 8.05 14.03
CA ASN A 200 -22.13 8.81 13.21
C ASN A 200 -22.29 8.19 11.82
N TRP A 201 -21.18 7.76 11.22
CA TRP A 201 -21.11 7.08 9.92
C TRP A 201 -21.47 7.98 8.75
N LYS A 202 -21.87 9.24 8.99
CA LYS A 202 -22.23 10.16 7.93
C LYS A 202 -21.15 11.20 7.64
N VAL A 203 -20.05 11.20 8.39
CA VAL A 203 -19.03 12.22 8.23
C VAL A 203 -17.70 11.64 7.75
N PHE A 204 -17.43 10.37 8.01
CA PHE A 204 -16.23 9.68 7.54
C PHE A 204 -16.28 9.34 6.06
N ILE A 205 -17.40 9.59 5.39
CA ILE A 205 -17.60 9.15 4.01
C ILE A 205 -16.58 9.79 3.09
N THR A 206 -16.39 11.12 3.22
CA THR A 206 -15.46 11.82 2.35
C THR A 206 -14.01 11.38 2.55
N PRO A 207 -13.47 11.31 3.78
CA PRO A 207 -12.10 10.78 3.92
C PRO A 207 -11.98 9.33 3.46
N VAL A 208 -13.02 8.52 3.66
CA VAL A 208 -12.98 7.14 3.19
C VAL A 208 -12.86 7.11 1.67
N ILE A 209 -13.68 7.92 0.99
CA ILE A 209 -13.64 7.97 -0.47
C ILE A 209 -12.29 8.49 -0.95
N LEU A 210 -11.75 9.50 -0.26
CA LEU A 210 -10.48 10.07 -0.67
C LEU A 210 -9.34 9.06 -0.54
N THR A 211 -9.29 8.33 0.58
CA THR A 211 -8.22 7.35 0.74
C THR A 211 -8.40 6.16 -0.19
N LEU A 212 -9.64 5.76 -0.46
CA LEU A 212 -9.87 4.71 -1.45
C LEU A 212 -9.40 5.14 -2.84
N VAL A 213 -9.70 6.39 -3.21
CA VAL A 213 -9.27 6.90 -4.51
C VAL A 213 -7.75 6.96 -4.58
N LEU A 214 -7.11 7.41 -3.51
CA LEU A 214 -5.65 7.50 -3.49
C LEU A 214 -5.01 6.12 -3.65
N SER A 215 -5.50 5.14 -2.89
CA SER A 215 -4.94 3.79 -2.98
C SER A 215 -5.18 3.19 -4.35
N PHE A 216 -6.40 3.36 -4.89
CA PHE A 216 -6.70 2.83 -6.22
C PHE A 216 -5.80 3.46 -7.27
N GLY A 217 -5.62 4.78 -7.20
CA GLY A 217 -4.76 5.45 -8.17
C GLY A 217 -3.31 4.99 -8.06
N LEU A 218 -2.81 4.84 -6.83
CA LEU A 218 -1.44 4.40 -6.64
C LEU A 218 -1.21 3.01 -7.21
N SER A 219 -2.09 2.06 -6.87
CA SER A 219 -1.92 0.69 -7.37
C SER A 219 -2.12 0.63 -8.89
N ALA A 220 -3.11 1.37 -9.40
CA ALA A 220 -3.37 1.37 -10.84
C ALA A 220 -2.18 1.94 -11.59
N PHE A 221 -1.57 3.02 -11.10
CA PHE A 221 -0.38 3.55 -11.74
C PHE A 221 0.78 2.58 -11.64
N GLN A 222 0.92 1.90 -10.49
CA GLN A 222 2.02 0.95 -10.32
C GLN A 222 1.94 -0.15 -11.37
N THR A 223 0.74 -0.67 -11.62
CA THR A 223 0.60 -1.70 -12.65
C THR A 223 0.71 -1.10 -14.06
N LEU A 224 0.06 0.05 -14.29
CA LEU A 224 -0.09 0.59 -15.62
C LEU A 224 1.23 1.12 -16.17
N TYR A 225 2.04 1.76 -15.34
CA TYR A 225 3.33 2.23 -15.80
C TYR A 225 4.17 1.08 -16.35
N SER A 226 4.26 -0.01 -15.58
CA SER A 226 5.01 -1.18 -16.03
C SER A 226 4.45 -1.73 -17.33
N LEU A 227 3.13 -1.97 -17.36
CA LEU A 227 2.53 -2.59 -18.54
C LEU A 227 2.68 -1.72 -19.79
N TYR A 228 2.42 -0.42 -19.64
CA TYR A 228 2.44 0.50 -20.78
C TYR A 228 3.86 0.73 -21.27
N THR A 229 4.82 0.88 -20.37
CA THR A 229 6.20 1.08 -20.80
C THR A 229 6.83 -0.19 -21.31
N ALA A 230 6.28 -1.36 -20.96
CA ALA A 230 6.71 -2.59 -21.60
C ALA A 230 6.12 -2.74 -22.99
N ASP A 231 4.86 -2.33 -23.16
CA ASP A 231 4.20 -2.46 -24.46
C ASP A 231 4.73 -1.45 -25.47
N LYS A 232 5.02 -0.22 -25.03
CA LYS A 232 5.37 0.86 -25.94
C LYS A 232 6.88 1.03 -26.10
N VAL A 233 7.60 1.27 -25.01
CA VAL A 233 9.02 1.60 -25.06
C VAL A 233 9.89 0.37 -24.78
N ASN A 234 9.30 -0.82 -24.75
CA ASN A 234 9.97 -2.09 -24.47
C ASN A 234 11.00 -1.93 -23.36
N TYR A 235 10.52 -1.45 -22.22
CA TYR A 235 11.38 -1.21 -21.06
C TYR A 235 11.91 -2.52 -20.51
N SER A 236 13.18 -2.52 -20.13
CA SER A 236 13.76 -3.62 -19.37
C SER A 236 13.28 -3.55 -17.93
N PRO A 237 13.26 -4.69 -17.22
CA PRO A 237 12.90 -4.65 -15.80
C PRO A 237 13.77 -3.69 -14.99
N LYS A 238 15.05 -3.60 -15.31
CA LYS A 238 15.93 -2.69 -14.59
C LYS A 238 15.51 -1.24 -14.78
N ASP A 239 15.13 -0.87 -16.00
CA ASP A 239 14.70 0.50 -16.26
C ASP A 239 13.44 0.85 -15.47
N ILE A 240 12.46 -0.06 -15.46
CA ILE A 240 11.24 0.16 -14.69
C ILE A 240 11.57 0.28 -13.21
N SER A 241 12.44 -0.60 -12.71
CA SER A 241 12.82 -0.56 -11.30
C SER A 241 13.47 0.77 -10.95
N ILE A 242 14.42 1.23 -11.77
CA ILE A 242 15.13 2.47 -11.48
C ILE A 242 14.17 3.65 -11.51
N ALA A 243 13.28 3.69 -12.52
CA ALA A 243 12.31 4.77 -12.59
C ALA A 243 11.39 4.78 -11.38
N ILE A 244 10.87 3.62 -10.98
CA ILE A 244 9.96 3.55 -9.84
C ILE A 244 10.65 3.98 -8.56
N THR A 245 11.86 3.45 -8.30
CA THR A 245 12.54 3.78 -7.06
C THR A 245 12.96 5.24 -7.03
N GLY A 246 13.37 5.80 -8.17
CA GLY A 246 13.72 7.20 -8.22
C GLY A 246 12.52 8.10 -7.99
N GLY A 247 11.38 7.77 -8.61
CA GLY A 247 10.17 8.53 -8.37
C GLY A 247 9.73 8.47 -6.92
N GLY A 248 9.81 7.28 -6.32
CA GLY A 248 9.45 7.15 -4.92
C GLY A 248 10.36 7.94 -4.00
N ILE A 249 11.68 7.89 -4.26
CA ILE A 249 12.63 8.65 -3.44
C ILE A 249 12.37 10.15 -3.59
N PHE A 250 12.15 10.61 -4.82
CA PHE A 250 11.87 12.03 -5.04
C PHE A 250 10.60 12.45 -4.32
N GLY A 251 9.54 11.65 -4.42
CA GLY A 251 8.30 11.98 -3.75
C GLY A 251 8.45 12.02 -2.24
N ALA A 252 9.16 11.04 -1.68
CA ALA A 252 9.37 11.00 -0.24
C ALA A 252 10.16 12.21 0.24
N LEU A 253 11.23 12.55 -0.48
CA LEU A 253 12.06 13.69 -0.09
C LEU A 253 11.27 14.99 -0.18
N PHE A 254 10.57 15.19 -1.29
CA PHE A 254 9.78 16.41 -1.46
C PHE A 254 8.69 16.52 -0.40
N GLN A 255 8.03 15.40 -0.08
CA GLN A 255 7.02 15.42 0.97
C GLN A 255 7.63 15.79 2.32
N ILE A 256 8.69 15.08 2.73
CA ILE A 256 9.26 15.30 4.05
C ILE A 256 9.87 16.70 4.16
N TYR A 257 10.11 17.34 3.01
CA TYR A 257 10.78 18.67 3.02
C TYR A 257 9.80 19.83 2.84
N PHE A 258 8.63 19.59 2.23
CA PHE A 258 7.70 20.67 1.95
C PHE A 258 6.29 20.48 2.51
N PHE A 259 5.99 19.36 3.16
CA PHE A 259 4.62 19.12 3.57
C PHE A 259 4.18 20.13 4.62
N ASP A 260 5.04 20.45 5.58
CA ASP A 260 4.70 21.45 6.59
C ASP A 260 4.50 22.82 5.95
N LYS A 261 5.35 23.17 4.97
CA LYS A 261 5.24 24.48 4.34
C LYS A 261 3.92 24.62 3.58
N PHE A 262 3.52 23.58 2.83
CA PHE A 262 2.22 23.65 2.15
C PHE A 262 1.07 23.57 3.13
N MET A 263 1.25 22.85 4.23
CA MET A 263 0.15 22.66 5.22
C MET A 263 -0.11 23.98 5.96
N LYS A 264 0.93 24.75 6.26
CA LYS A 264 0.80 25.99 7.00
C LYS A 264 0.17 27.12 6.17
N TYR A 265 0.03 26.95 4.86
CA TYR A 265 -0.52 27.97 4.00
C TYR A 265 -2.01 27.81 3.73
N PHE A 266 -2.42 26.62 3.29
CA PHE A 266 -3.81 26.37 2.91
C PHE A 266 -4.35 25.16 3.69
N SER A 267 -5.64 24.93 3.56
CA SER A 267 -6.31 23.86 4.27
C SER A 267 -6.11 22.52 3.55
N GLU A 268 -6.72 21.47 4.09
CA GLU A 268 -6.52 20.13 3.56
C GLU A 268 -7.26 19.93 2.25
N LEU A 269 -8.49 20.44 2.15
CA LEU A 269 -9.32 20.16 0.99
C LEU A 269 -8.78 20.81 -0.27
N THR A 270 -8.43 22.10 -0.19
CA THR A 270 -7.88 22.79 -1.36
C THR A 270 -6.54 22.19 -1.76
N PHE A 271 -5.71 21.81 -0.78
CA PHE A 271 -4.45 21.16 -1.08
C PHE A 271 -4.68 19.85 -1.82
N ILE A 272 -5.64 19.04 -1.35
CA ILE A 272 -5.94 17.77 -2.01
C ILE A 272 -6.44 18.00 -3.42
N ALA A 273 -7.30 19.00 -3.61
CA ALA A 273 -7.83 19.28 -4.95
C ALA A 273 -6.72 19.70 -5.90
N TRP A 274 -5.83 20.59 -5.45
CA TRP A 274 -4.73 21.03 -6.31
C TRP A 274 -3.75 19.90 -6.59
N SER A 275 -3.50 19.03 -5.60
CA SER A 275 -2.64 17.88 -5.82
C SER A 275 -3.25 16.92 -6.83
N LEU A 276 -4.56 16.69 -6.75
CA LEU A 276 -5.23 15.83 -7.73
C LEU A 276 -5.17 16.43 -9.13
N LEU A 277 -5.37 17.75 -9.23
CA LEU A 277 -5.25 18.42 -10.53
C LEU A 277 -3.83 18.27 -11.08
N TYR A 278 -2.82 18.40 -10.21
CA TYR A 278 -1.45 18.18 -10.63
C TYR A 278 -1.24 16.75 -11.11
N SER A 279 -1.81 15.77 -10.42
CA SER A 279 -1.69 14.39 -10.86
C SER A 279 -2.32 14.20 -12.24
N VAL A 280 -3.49 14.81 -12.46
CA VAL A 280 -4.11 14.74 -13.78
C VAL A 280 -3.23 15.36 -14.85
N VAL A 281 -2.59 16.50 -14.53
CA VAL A 281 -1.78 17.17 -15.55
C VAL A 281 -0.54 16.35 -15.88
N VAL A 282 0.07 15.70 -14.87
CA VAL A 282 1.22 14.85 -15.16
C VAL A 282 0.79 13.62 -15.94
N LEU A 283 -0.39 13.06 -15.65
CA LEU A 283 -0.87 11.94 -16.45
C LEU A 283 -1.11 12.35 -17.90
N ILE A 284 -1.69 13.53 -18.11
CA ILE A 284 -1.92 14.03 -19.46
C ILE A 284 -0.60 14.23 -20.19
N LEU A 285 0.40 14.78 -19.49
CA LEU A 285 1.71 14.94 -20.10
C LEU A 285 2.34 13.59 -20.44
N LEU A 286 2.14 12.60 -19.57
CA LEU A 286 2.63 11.26 -19.82
C LEU A 286 1.91 10.59 -20.99
N VAL A 287 0.71 11.05 -21.33
CA VAL A 287 -0.04 10.47 -22.45
C VAL A 287 0.78 10.58 -23.74
N PHE A 288 1.36 11.74 -23.99
CA PHE A 288 2.05 12.01 -25.25
C PHE A 288 3.53 11.67 -25.20
N ALA A 289 4.04 11.16 -24.08
CA ALA A 289 5.45 10.80 -23.98
C ALA A 289 5.76 9.62 -24.88
N ASN A 290 6.89 9.70 -25.59
CA ASN A 290 7.31 8.63 -26.49
C ASN A 290 8.80 8.34 -26.44
N ASP A 291 9.57 9.01 -25.58
CA ASP A 291 11.00 8.80 -25.49
C ASP A 291 11.35 8.17 -24.14
N TYR A 292 12.46 7.44 -24.12
CA TYR A 292 12.91 6.77 -22.89
C TYR A 292 13.11 7.77 -21.76
N TRP A 293 13.99 8.76 -21.97
CA TRP A 293 14.27 9.74 -20.93
C TRP A 293 13.06 10.59 -20.63
N SER A 294 12.24 10.91 -21.64
CA SER A 294 11.07 11.73 -21.43
C SER A 294 10.09 11.06 -20.47
N ILE A 295 9.72 9.80 -20.76
CA ILE A 295 8.78 9.11 -19.89
C ILE A 295 9.43 8.80 -18.54
N MET A 296 10.74 8.56 -18.51
CA MET A 296 11.41 8.33 -17.24
C MET A 296 11.31 9.54 -16.34
N LEU A 297 11.57 10.73 -16.90
CA LEU A 297 11.48 11.96 -16.11
C LEU A 297 10.03 12.28 -15.73
N ILE A 298 9.07 11.97 -16.61
CA ILE A 298 7.68 12.20 -16.26
C ILE A 298 7.26 11.30 -15.10
N SER A 299 7.68 10.03 -15.17
CA SER A 299 7.38 9.08 -14.07
C SER A 299 8.08 9.54 -12.78
N PHE A 300 9.23 10.22 -12.91
CA PHE A 300 10.02 10.63 -11.70
C PHE A 300 9.21 11.56 -10.80
N VAL A 301 8.13 12.15 -11.30
CA VAL A 301 7.36 13.12 -10.53
C VAL A 301 5.91 12.71 -10.33
N VAL A 302 5.48 11.58 -10.90
CA VAL A 302 4.09 11.16 -10.72
C VAL A 302 3.79 10.83 -9.27
N PHE A 303 4.70 10.13 -8.60
CA PHE A 303 4.48 9.72 -7.21
C PHE A 303 4.44 10.89 -6.24
N ILE A 304 4.84 12.09 -6.67
CA ILE A 304 4.83 13.25 -5.78
C ILE A 304 3.42 13.54 -5.30
N GLY A 305 2.45 13.51 -6.22
CA GLY A 305 1.08 13.79 -5.86
C GLY A 305 0.54 12.82 -4.82
N PHE A 306 0.75 11.52 -5.05
CA PHE A 306 0.23 10.52 -4.12
C PHE A 306 0.95 10.60 -2.77
N ASP A 307 2.27 10.81 -2.79
CA ASP A 307 3.03 10.89 -1.54
C ASP A 307 2.74 12.18 -0.79
N MET A 308 2.15 13.18 -1.45
CA MET A 308 1.64 14.34 -0.73
C MET A 308 0.21 14.15 -0.27
N ILE A 309 -0.59 13.37 -1.01
CA ILE A 309 -1.97 13.11 -0.62
C ILE A 309 -2.01 12.27 0.65
N ARG A 310 -1.17 11.24 0.73
CA ARG A 310 -1.27 10.27 1.82
C ARG A 310 -1.13 10.91 3.20
N PRO A 311 -0.11 11.72 3.49
CA PRO A 311 -0.06 12.37 4.81
C PRO A 311 -1.21 13.33 5.06
N ALA A 312 -1.71 14.00 4.01
CA ALA A 312 -2.85 14.87 4.18
C ALA A 312 -4.09 14.08 4.59
N ILE A 313 -4.32 12.93 3.96
CA ILE A 313 -5.45 12.10 4.34
C ILE A 313 -5.26 11.53 5.74
N THR A 314 -4.02 11.19 6.11
CA THR A 314 -3.77 10.69 7.46
C THR A 314 -4.09 11.76 8.50
N ASN A 315 -3.65 12.99 8.26
CA ASN A 315 -3.95 14.09 9.18
C ASN A 315 -5.43 14.38 9.23
N TYR A 316 -6.11 14.34 8.09
CA TYR A 316 -7.55 14.56 8.06
C TYR A 316 -8.28 13.49 8.86
N PHE A 317 -7.84 12.24 8.71
CA PHE A 317 -8.44 11.12 9.47
C PHE A 317 -8.22 11.36 10.97
N SER A 318 -7.01 11.71 11.36
CA SER A 318 -6.69 11.93 12.77
C SER A 318 -7.55 13.05 13.34
N ASN A 319 -7.77 14.12 12.56
CA ASN A 319 -8.58 15.23 13.05
C ASN A 319 -10.05 14.84 13.13
N ILE A 320 -10.57 14.15 12.13
CA ILE A 320 -12.00 13.85 12.08
C ILE A 320 -12.36 12.81 13.15
N ALA A 321 -11.48 11.86 13.40
CA ALA A 321 -11.80 10.79 14.35
C ALA A 321 -11.92 11.34 15.77
N GLY A 322 -10.93 12.11 16.22
CA GLY A 322 -10.93 12.62 17.56
C GLY A 322 -10.23 11.70 18.54
N GLU A 323 -10.96 11.21 19.55
CA GLU A 323 -10.36 10.31 20.53
C GLU A 323 -10.15 8.91 19.97
N ARG A 324 -11.00 8.48 19.03
CA ARG A 324 -10.93 7.13 18.49
C ARG A 324 -9.96 7.08 17.32
N GLN A 325 -8.67 7.20 17.66
CA GLN A 325 -7.62 7.10 16.64
C GLN A 325 -7.47 5.69 16.12
N GLY A 326 -7.69 4.68 16.97
CA GLY A 326 -7.56 3.30 16.52
C GLY A 326 -8.58 2.93 15.46
N PHE A 327 -9.83 3.39 15.62
CA PHE A 327 -10.86 3.12 14.62
C PHE A 327 -10.51 3.78 13.29
N ALA A 328 -10.00 5.01 13.34
CA ALA A 328 -9.59 5.70 12.11
C ALA A 328 -8.44 4.96 11.44
N GLY A 329 -7.46 4.50 12.23
CA GLY A 329 -6.36 3.75 11.65
C GLY A 329 -6.82 2.46 11.00
N GLY A 330 -7.72 1.74 11.68
CA GLY A 330 -8.25 0.51 11.10
C GLY A 330 -9.02 0.75 9.81
N LEU A 331 -9.86 1.79 9.80
CA LEU A 331 -10.60 2.12 8.58
C LEU A 331 -9.66 2.50 7.45
N ASN A 332 -8.63 3.31 7.76
CA ASN A 332 -7.68 3.71 6.73
C ASN A 332 -6.94 2.51 6.16
N SER A 333 -6.49 1.60 7.03
CA SER A 333 -5.78 0.42 6.56
C SER A 333 -6.69 -0.47 5.72
N THR A 334 -7.93 -0.68 6.17
CA THR A 334 -8.85 -1.54 5.44
C THR A 334 -9.17 -0.97 4.07
N PHE A 335 -9.43 0.34 3.99
CA PHE A 335 -9.77 0.93 2.71
C PHE A 335 -8.57 1.06 1.79
N THR A 336 -7.37 1.26 2.34
CA THR A 336 -6.17 1.23 1.51
C THR A 336 -5.95 -0.17 0.94
N SER A 337 -6.17 -1.21 1.75
CA SER A 337 -6.07 -2.57 1.24
C SER A 337 -7.11 -2.85 0.16
N MET A 338 -8.35 -2.37 0.37
CA MET A 338 -9.39 -2.57 -0.62
C MET A 338 -9.05 -1.86 -1.93
N GLY A 339 -8.51 -0.64 -1.85
CA GLY A 339 -8.09 0.06 -3.05
C GLY A 339 -6.94 -0.65 -3.76
N ASN A 340 -5.98 -1.15 -2.99
CA ASN A 340 -4.87 -1.91 -3.58
C ASN A 340 -5.36 -3.20 -4.23
N PHE A 341 -6.49 -3.72 -3.74
CA PHE A 341 -7.06 -4.97 -4.33
C PHE A 341 -7.86 -4.63 -5.59
N ILE A 342 -8.53 -3.47 -5.61
CA ILE A 342 -9.38 -3.11 -6.73
C ILE A 342 -8.63 -2.39 -7.86
N GLY A 343 -7.42 -1.89 -7.60
CA GLY A 343 -6.68 -1.18 -8.61
C GLY A 343 -6.18 -2.04 -9.74
N PRO A 344 -5.22 -2.93 -9.46
CA PRO A 344 -4.63 -3.74 -10.54
C PRO A 344 -5.63 -4.62 -11.26
N LEU A 345 -6.66 -5.12 -10.58
CA LEU A 345 -7.64 -5.98 -11.23
C LEU A 345 -8.32 -5.27 -12.40
N ILE A 346 -8.77 -4.04 -12.18
CA ILE A 346 -9.35 -3.25 -13.25
C ILE A 346 -8.26 -2.80 -14.23
N ALA A 347 -7.09 -2.43 -13.71
CA ALA A 347 -6.06 -1.82 -14.54
C ALA A 347 -5.56 -2.79 -15.61
N GLY A 348 -5.23 -4.02 -15.22
CA GLY A 348 -4.72 -4.98 -16.18
C GLY A 348 -5.75 -5.39 -17.22
N ALA A 349 -6.99 -5.64 -16.78
CA ALA A 349 -8.04 -6.02 -17.71
C ALA A 349 -8.32 -4.91 -18.71
N LEU A 350 -8.38 -3.66 -18.24
CA LEU A 350 -8.68 -2.56 -19.15
C LEU A 350 -7.46 -2.18 -19.99
N PHE A 351 -6.25 -2.50 -19.54
CA PHE A 351 -5.08 -2.40 -20.41
C PHE A 351 -5.16 -3.41 -21.53
N ASP A 352 -5.60 -4.64 -21.21
CA ASP A 352 -5.87 -5.62 -22.25
C ASP A 352 -6.96 -5.13 -23.20
N VAL A 353 -7.92 -4.37 -22.68
CA VAL A 353 -8.93 -3.76 -23.54
C VAL A 353 -8.30 -2.71 -24.46
N HIS A 354 -7.48 -1.83 -23.89
CA HIS A 354 -6.79 -0.81 -24.68
C HIS A 354 -5.55 -0.36 -23.91
N ILE A 355 -4.50 -0.03 -24.67
CA ILE A 355 -3.19 0.23 -24.06
C ILE A 355 -3.23 1.48 -23.18
N GLU A 356 -3.84 2.56 -23.67
CA GLU A 356 -3.89 3.81 -22.95
C GLU A 356 -5.17 3.97 -22.12
N ALA A 357 -6.05 2.99 -22.14
CA ALA A 357 -7.28 3.08 -21.35
C ALA A 357 -7.05 3.19 -19.84
N PRO A 358 -6.09 2.49 -19.23
CA PRO A 358 -5.87 2.71 -17.78
C PRO A 358 -5.47 4.14 -17.43
N ILE A 359 -4.79 4.85 -18.33
CA ILE A 359 -4.51 6.26 -18.07
C ILE A 359 -5.80 7.06 -17.98
N TYR A 360 -6.74 6.80 -18.90
CA TYR A 360 -8.04 7.46 -18.84
C TYR A 360 -8.79 7.08 -17.58
N MET A 361 -8.68 5.82 -17.15
CA MET A 361 -9.33 5.41 -15.91
C MET A 361 -8.74 6.15 -14.72
N ALA A 362 -7.41 6.31 -14.69
CA ALA A 362 -6.77 7.03 -13.59
C ALA A 362 -7.18 8.50 -13.57
N ILE A 363 -7.20 9.15 -14.74
CA ILE A 363 -7.63 10.55 -14.75
C ILE A 363 -9.09 10.67 -14.39
N GLY A 364 -9.92 9.69 -14.75
CA GLY A 364 -11.32 9.72 -14.34
C GLY A 364 -11.50 9.57 -12.84
N VAL A 365 -10.76 8.66 -12.22
CA VAL A 365 -10.88 8.51 -10.77
C VAL A 365 -10.32 9.73 -10.05
N SER A 366 -9.27 10.35 -10.61
CA SER A 366 -8.77 11.59 -10.04
C SER A 366 -9.81 12.71 -10.16
N LEU A 367 -10.51 12.77 -11.29
CA LEU A 367 -11.58 13.75 -11.45
C LEU A 367 -12.71 13.49 -10.45
N ALA A 368 -13.04 12.21 -10.23
CA ALA A 368 -14.05 11.89 -9.23
C ALA A 368 -13.63 12.35 -7.84
N GLY A 369 -12.36 12.12 -7.49
CA GLY A 369 -11.87 12.60 -6.21
C GLY A 369 -11.92 14.12 -6.09
N VAL A 370 -11.53 14.82 -7.16
CA VAL A 370 -11.51 16.28 -7.09
C VAL A 370 -12.93 16.84 -7.01
N VAL A 371 -13.87 16.22 -7.71
CA VAL A 371 -15.25 16.73 -7.65
C VAL A 371 -15.86 16.43 -6.28
N ILE A 372 -15.59 15.26 -5.70
CA ILE A 372 -16.16 14.97 -4.39
C ILE A 372 -15.55 15.88 -3.33
N VAL A 373 -14.25 16.17 -3.43
CA VAL A 373 -13.64 17.05 -2.44
C VAL A 373 -14.14 18.49 -2.63
N LEU A 374 -14.39 18.91 -3.87
CA LEU A 374 -14.89 20.26 -4.07
C LEU A 374 -16.34 20.40 -3.62
N ILE A 375 -17.16 19.36 -3.80
CA ILE A 375 -18.52 19.46 -3.25
C ILE A 375 -18.51 19.39 -1.73
N GLU A 376 -17.58 18.65 -1.13
CA GLU A 376 -17.49 18.68 0.33
C GLU A 376 -17.05 20.06 0.82
N LYS A 377 -16.14 20.71 0.11
CA LYS A 377 -15.79 22.09 0.41
C LYS A 377 -16.98 23.02 0.26
N GLN A 378 -17.79 22.82 -0.79
CA GLN A 378 -18.97 23.64 -0.98
C GLN A 378 -19.96 23.47 0.17
N HIS A 379 -20.16 22.23 0.61
CA HIS A 379 -21.04 21.95 1.75
C HIS A 379 -20.51 22.62 3.02
N ARG A 380 -19.20 22.49 3.26
CA ARG A 380 -18.62 23.11 4.44
C ARG A 380 -18.78 24.63 4.40
N ALA A 381 -18.55 25.24 3.23
CA ALA A 381 -18.75 26.68 3.09
C ALA A 381 -20.21 27.06 3.30
N LYS A 382 -21.13 26.23 2.81
CA LYS A 382 -22.56 26.54 2.96
C LYS A 382 -22.96 26.57 4.43
N LEU A 383 -22.63 25.51 5.18
CA LEU A 383 -22.99 25.52 6.60
C LEU A 383 -22.09 26.41 7.44
N LYS A 384 -20.96 26.87 6.89
CA LYS A 384 -20.18 27.89 7.59
C LYS A 384 -20.81 29.27 7.45
N GLU A 385 -21.27 29.61 6.23
CA GLU A 385 -21.90 30.89 6.00
C GLU A 385 -23.34 30.95 6.51
N GLN A 386 -23.98 29.79 6.70
CA GLN A 386 -25.33 29.76 7.22
C GLN A 386 -25.35 30.11 8.70
N SER B 1 -4.95 -1.67 34.68
CA SER B 1 -5.67 -2.58 33.80
C SER B 1 -5.50 -2.18 32.34
N VAL B 2 -4.42 -2.64 31.72
CA VAL B 2 -4.11 -2.35 30.32
C VAL B 2 -4.09 -3.67 29.55
N GLU B 3 -4.96 -3.78 28.55
CA GLU B 3 -5.04 -4.97 27.70
C GLU B 3 -5.87 -4.65 26.47
N ASN B 4 -5.36 -5.00 25.29
CA ASN B 4 -6.01 -4.65 24.02
C ASN B 4 -6.61 -5.91 23.39
N HIS B 5 -7.90 -5.79 23.07
CA HIS B 5 -8.59 -6.89 22.36
C HIS B 5 -8.79 -6.47 20.91
N TRP B 6 -8.89 -7.46 20.02
CA TRP B 6 -8.98 -7.15 18.56
C TRP B 6 -10.42 -7.28 18.05
N TYR B 7 -11.09 -6.15 17.81
CA TYR B 7 -12.42 -6.17 17.18
C TYR B 7 -12.08 -6.23 15.69
N TYR B 8 -13.06 -6.13 14.81
CA TYR B 8 -12.84 -6.23 13.38
C TYR B 8 -12.00 -5.07 12.87
N PHE B 9 -10.94 -5.41 12.12
CA PHE B 9 -10.05 -4.54 11.37
C PHE B 9 -9.32 -3.50 12.22
N TYR B 10 -9.56 -3.52 13.54
CA TYR B 10 -8.95 -2.46 14.39
C TYR B 10 -8.75 -2.95 15.83
N TRP B 11 -7.78 -2.36 16.53
CA TRP B 11 -7.50 -2.69 17.92
C TRP B 11 -8.15 -1.64 18.82
N TYR B 12 -8.97 -2.08 19.77
CA TYR B 12 -9.59 -1.19 20.73
C TYR B 12 -9.01 -1.43 22.12
N MET B 13 -8.85 -0.36 22.87
CA MET B 13 -8.19 -0.39 24.17
C MET B 13 -9.24 -0.48 25.27
N SER B 14 -9.03 -1.41 26.20
CA SER B 14 -10.05 -1.73 27.19
C SER B 14 -10.27 -0.57 28.14
N PRO B 15 -11.52 -0.33 28.59
CA PRO B 15 -11.81 0.80 29.49
C PRO B 15 -11.21 0.60 30.88
#